data_5N1O
#
_entry.id   5N1O
#
_cell.length_a   59.081
_cell.length_b   71.904
_cell.length_c   108.946
_cell.angle_alpha   90.00
_cell.angle_beta   90.00
_cell.angle_gamma   90.00
#
_symmetry.space_group_name_H-M   'P 21 21 21'
#
loop_
_entity.id
_entity.type
_entity.pdbx_description
1 polymer 'cAMP-dependent protein kinase catalytic subunit alpha'
2 polymer 'cAMP-dependent protein kinase inhibitor alpha-like protein'
3 non-polymer (4S)-2-METHYL-2,4-PENTANEDIOL
4 non-polymer 1-[5-chloranyl-3-(chloromethyl)-2-oxidanyl-phenyl]ethanone
5 water water
#
loop_
_entity_poly.entity_id
_entity_poly.type
_entity_poly.pdbx_seq_one_letter_code
_entity_poly.pdbx_strand_id
1 'polypeptide(L)'
;GHMGNAAAAKKG(SEP)EQESVKEFLAKAKEEFLKKWESPSQNTAQLDHFDRIKTLGTGSFGRVMLVKHKETGNHYAMKI
LDKQKVVKLKQIEHTLNEKRILQAVNFPFLVKLEFSFKDNSNLYMVMEYVPGGEMFSHLRRIGRF(SEP)EPHARFYAAQ
IVLTFEYLHSLDLIYRDLKPENLLIDQQGYIQVTDFGFAKRVKGRTW(TPO)LCGTPEYLAPEIILSKGYNKAVDWWALG
VLIYEMAAGYPPFFADQPIQIYEKIVSGKVRFPSHFSSDLKDLLRNLLQVDLTKRFGNLKNGVNDIKNHKWFATTDWIAI
YQRKVEAPFIPKFKGPGDTSNFDDYEEEEIRV(SEP)INEKCGKEFTEF
;
A
2 'polypeptide(L)' IAAGRTGRRQAIHDILVAA B
#
# COMPACT_ATOMS: atom_id res chain seq x y z
N LYS A 10 -2.83 -10.10 -30.96
CA LYS A 10 -3.77 -9.84 -29.87
C LYS A 10 -3.05 -9.38 -28.62
N LYS A 11 -2.16 -10.21 -28.10
CA LYS A 11 -1.40 -9.78 -26.93
C LYS A 11 -0.56 -8.54 -27.27
N GLY A 12 -0.03 -8.48 -28.48
CA GLY A 12 0.67 -7.29 -28.95
C GLY A 12 -0.21 -6.03 -29.05
N GLU A 14 -2.83 -5.58 -27.27
CA GLU A 14 -3.04 -5.23 -25.85
C GLU A 14 -1.87 -4.43 -25.26
N GLN A 15 -0.65 -4.78 -25.68
CA GLN A 15 0.55 -4.09 -25.20
C GLN A 15 0.69 -2.70 -25.83
N GLU A 16 0.30 -2.52 -27.09
CA GLU A 16 0.21 -1.16 -27.60
C GLU A 16 -0.81 -0.34 -26.78
N SER A 17 -1.95 -0.93 -26.47
CA SER A 17 -2.95 -0.20 -25.70
C SER A 17 -2.42 0.15 -24.31
N VAL A 18 -1.65 -0.71 -23.68
CA VAL A 18 -1.07 -0.33 -22.37
C VAL A 18 -0.15 0.87 -22.51
N LYS A 19 0.74 0.84 -23.51
CA LYS A 19 1.62 1.97 -23.76
C LYS A 19 0.81 3.24 -23.99
N GLU A 20 -0.23 3.18 -24.81
CA GLU A 20 -1.11 4.34 -25.02
C GLU A 20 -1.71 4.85 -23.69
N PHE A 21 -2.21 3.95 -22.85
CA PHE A 21 -2.84 4.40 -21.62
C PHE A 21 -1.81 5.05 -20.68
N LEU A 22 -0.65 4.44 -20.57
CA LEU A 22 0.34 4.95 -19.61
C LEU A 22 0.93 6.26 -20.08
N ALA A 23 0.97 6.46 -21.39
CA ALA A 23 1.38 7.75 -21.90
C ALA A 23 0.39 8.82 -21.47
N LYS A 24 -0.91 8.52 -21.57
CA LYS A 24 -1.91 9.51 -21.17
C LYS A 24 -1.89 9.73 -19.66
N ALA A 25 -1.69 8.65 -18.92
CA ALA A 25 -1.66 8.68 -17.46
C ALA A 25 -0.50 9.56 -16.96
N LYS A 26 0.67 9.45 -17.59
CA LYS A 26 1.80 10.32 -17.24
C LYS A 26 1.51 11.79 -17.55
N GLU A 27 0.93 12.09 -18.72
CA GLU A 27 0.57 13.46 -19.02
C GLU A 27 -0.37 14.03 -17.94
N GLU A 28 -1.36 13.24 -17.53
CA GLU A 28 -2.32 13.72 -16.54
C GLU A 28 -1.67 13.86 -15.17
N PHE A 29 -0.78 12.92 -14.82
CA PHE A 29 -0.06 13.00 -13.57
C PHE A 29 0.81 14.25 -13.50
N LEU A 30 1.58 14.51 -14.56
CA LEU A 30 2.50 15.65 -14.54
C LEU A 30 1.76 16.96 -14.36
N LYS A 31 0.63 17.12 -15.07
CA LYS A 31 -0.15 18.35 -14.90
C LYS A 31 -0.52 18.57 -13.43
N LYS A 32 -0.92 17.51 -12.71
CA LYS A 32 -1.25 17.67 -11.30
C LYS A 32 0.00 17.76 -10.41
N TRP A 33 1.13 17.20 -10.84
CA TRP A 33 2.32 17.16 -9.97
C TRP A 33 3.00 18.51 -9.89
N GLU A 34 2.79 19.36 -10.90
CA GLU A 34 3.22 20.75 -10.88
C GLU A 34 2.02 21.64 -10.56
N SER A 35 1.44 21.35 -9.39
CA SER A 35 0.29 22.08 -8.90
C SER A 35 -0.01 21.69 -7.47
N THR A 40 -6.89 23.05 1.78
CA THR A 40 -8.22 22.91 1.19
C THR A 40 -9.37 22.56 2.18
N ALA A 41 -9.16 22.67 3.49
CA ALA A 41 -10.24 22.54 4.48
C ALA A 41 -9.64 22.88 5.85
N GLN A 42 -10.43 22.70 6.91
CA GLN A 42 -9.94 22.93 8.26
C GLN A 42 -10.62 21.95 9.20
N LEU A 43 -10.06 21.81 10.40
CA LEU A 43 -10.40 20.68 11.26
C LEU A 43 -11.86 20.76 11.70
N ASP A 44 -12.32 21.96 12.06
CA ASP A 44 -13.67 22.15 12.55
C ASP A 44 -14.72 21.97 11.47
N HIS A 45 -14.31 21.69 10.24
CA HIS A 45 -15.27 21.29 9.22
C HIS A 45 -15.72 19.83 9.37
N PHE A 46 -15.17 19.07 10.32
CA PHE A 46 -15.46 17.65 10.40
C PHE A 46 -15.84 17.28 11.82
N ASP A 47 -16.76 16.32 11.96
CA ASP A 47 -16.98 15.65 13.23
C ASP A 47 -16.14 14.39 13.26
N ARG A 48 -15.39 14.18 14.34
CA ARG A 48 -14.56 12.99 14.45
C ARG A 48 -15.38 11.88 15.10
N ILE A 49 -15.39 10.71 14.49
CA ILE A 49 -16.31 9.64 14.84
C ILE A 49 -15.59 8.50 15.56
N LYS A 50 -14.51 7.97 14.98
CA LYS A 50 -13.91 6.77 15.56
C LYS A 50 -12.52 6.56 14.99
N THR A 51 -11.61 5.99 15.80
CA THR A 51 -10.28 5.65 15.28
C THR A 51 -10.33 4.34 14.47
N LEU A 52 -9.83 4.39 13.24
CA LEU A 52 -9.83 3.24 12.32
C LEU A 52 -8.50 2.50 12.29
N GLY A 53 -7.43 3.14 12.78
CA GLY A 53 -6.12 2.53 12.75
C GLY A 53 -5.16 3.52 13.36
N THR A 54 -4.00 2.99 13.77
CA THR A 54 -2.99 3.80 14.46
C THR A 54 -1.60 3.49 13.91
N GLY A 55 -0.66 4.35 14.27
CA GLY A 55 0.74 4.22 13.85
C GLY A 55 1.57 5.05 14.81
N SER A 56 2.90 5.00 14.62
CA SER A 56 3.81 5.65 15.56
C SER A 56 3.76 7.18 15.50
N PHE A 57 3.16 7.75 14.43
CA PHE A 57 3.07 9.20 14.26
C PHE A 57 1.65 9.76 14.39
N GLY A 58 0.64 8.89 14.49
CA GLY A 58 -0.73 9.33 14.71
C GLY A 58 -1.80 8.27 14.49
N ARG A 59 -2.88 8.66 13.84
CA ARG A 59 -4.00 7.79 13.73
C ARG A 59 -4.77 8.15 12.47
N VAL A 60 -5.61 7.21 12.04
CA VAL A 60 -6.57 7.44 10.99
C VAL A 60 -7.95 7.34 11.64
N MET A 61 -8.74 8.38 11.47
CA MET A 61 -10.07 8.47 12.05
C MET A 61 -11.14 8.55 10.97
N LEU A 62 -12.25 7.87 11.22
CA LEU A 62 -13.45 8.16 10.47
C LEU A 62 -13.99 9.52 10.92
N VAL A 63 -14.25 10.40 9.95
CA VAL A 63 -14.82 11.70 10.23
C VAL A 63 -16.02 11.89 9.34
N LYS A 64 -16.88 12.85 9.73
CA LYS A 64 -18.05 13.24 8.97
C LYS A 64 -17.91 14.72 8.65
N HIS A 65 -17.98 15.05 7.38
CA HIS A 65 -17.99 16.43 6.93
C HIS A 65 -19.31 17.09 7.34
N LYS A 66 -19.24 18.16 8.17
CA LYS A 66 -20.44 18.69 8.78
C LYS A 66 -21.44 19.20 7.74
N GLU A 67 -20.94 19.92 6.73
CA GLU A 67 -21.85 20.51 5.73
C GLU A 67 -22.51 19.43 4.88
N THR A 68 -21.70 18.59 4.23
CA THR A 68 -22.21 17.62 3.28
C THR A 68 -22.67 16.31 3.92
N GLY A 69 -22.19 15.99 5.12
CA GLY A 69 -22.50 14.72 5.74
C GLY A 69 -21.78 13.52 5.15
N ASN A 70 -20.88 13.72 4.18
CA ASN A 70 -20.11 12.61 3.65
C ASN A 70 -19.10 12.14 4.68
N HIS A 71 -18.79 10.86 4.63
CA HIS A 71 -17.79 10.28 5.51
C HIS A 71 -16.44 10.23 4.81
N TYR A 72 -15.39 10.35 5.61
CA TYR A 72 -14.01 10.31 5.11
C TYR A 72 -13.12 9.64 6.14
N ALA A 73 -11.95 9.18 5.69
CA ALA A 73 -10.87 8.72 6.56
C ALA A 73 -9.84 9.84 6.66
N MET A 74 -9.61 10.34 7.87
CA MET A 74 -8.67 11.43 8.10
C MET A 74 -7.43 10.90 8.77
N LYS A 75 -6.28 11.01 8.09
CA LYS A 75 -5.01 10.65 8.71
C LYS A 75 -4.45 11.90 9.39
N ILE A 76 -4.14 11.78 10.69
CA ILE A 76 -3.65 12.87 11.55
C ILE A 76 -2.24 12.52 11.94
N LEU A 77 -1.28 13.39 11.60
CA LEU A 77 0.10 13.21 11.98
C LEU A 77 0.46 14.35 12.95
N ASP A 78 0.94 13.97 14.13
CA ASP A 78 1.50 14.93 15.08
C ASP A 78 2.81 15.45 14.53
N LYS A 79 2.84 16.72 14.13
CA LYS A 79 4.04 17.32 13.55
C LYS A 79 5.25 17.14 14.46
N GLN A 80 5.03 17.16 15.78
CA GLN A 80 6.12 16.93 16.71
C GLN A 80 6.64 15.50 16.58
N LYS A 81 5.72 14.52 16.54
CA LYS A 81 6.14 13.14 16.48
C LYS A 81 6.85 12.79 15.19
N VAL A 82 6.61 13.55 14.11
CA VAL A 82 7.31 13.39 12.82
C VAL A 82 8.64 14.09 13.02
N VAL A 83 9.54 13.47 13.80
CA VAL A 83 10.74 14.15 14.30
C VAL A 83 11.94 13.91 13.40
N LYS A 84 12.22 12.64 13.10
CA LYS A 84 13.44 12.22 12.41
C LYS A 84 13.43 12.65 10.93
N LEU A 85 14.63 12.95 10.39
CA LEU A 85 14.74 13.57 9.06
C LEU A 85 13.95 12.80 8.01
N LYS A 86 14.15 11.49 7.95
CA LYS A 86 13.43 10.73 6.93
C LYS A 86 11.94 10.70 7.21
N GLN A 87 11.52 10.94 8.46
CA GLN A 87 10.08 10.96 8.70
C GLN A 87 9.41 12.19 8.07
N ILE A 88 10.07 13.38 8.03
CA ILE A 88 9.41 14.58 7.48
C ILE A 88 9.35 14.62 5.92
N GLU A 89 10.45 14.21 5.26
N GLU A 89 10.41 14.22 5.20
CA GLU A 89 10.51 14.15 3.80
CA GLU A 89 10.28 14.32 3.75
C GLU A 89 9.42 13.22 3.25
C GLU A 89 9.35 13.24 3.21
N HIS A 90 9.23 12.12 3.93
CA HIS A 90 8.27 11.09 3.55
C HIS A 90 6.85 11.61 3.64
N THR A 91 6.58 12.48 4.62
CA THR A 91 5.26 13.07 4.78
C THR A 91 4.96 13.99 3.60
N LEU A 92 5.95 14.80 3.17
CA LEU A 92 5.76 15.60 1.96
C LEU A 92 5.52 14.72 0.73
N ASN A 93 6.28 13.63 0.59
CA ASN A 93 6.11 12.75 -0.56
C ASN A 93 4.69 12.24 -0.61
N GLU A 94 4.19 11.78 0.53
CA GLU A 94 2.89 11.14 0.63
C GLU A 94 1.78 12.07 0.11
N LYS A 95 1.73 13.32 0.64
CA LYS A 95 0.71 14.29 0.23
C LYS A 95 0.77 14.60 -1.25
N ARG A 96 1.97 14.89 -1.76
CA ARG A 96 2.14 15.34 -3.13
C ARG A 96 1.85 14.21 -4.12
N ILE A 97 2.28 13.00 -3.79
CA ILE A 97 1.99 11.87 -4.66
C ILE A 97 0.49 11.58 -4.69
N LEU A 98 -0.14 11.50 -3.51
CA LEU A 98 -1.58 11.20 -3.45
C LEU A 98 -2.43 12.25 -4.16
N GLN A 99 -2.09 13.54 -4.03
CA GLN A 99 -2.88 14.54 -4.77
C GLN A 99 -2.74 14.38 -6.30
N ALA A 100 -1.71 13.72 -6.82
CA ALA A 100 -1.48 13.75 -8.26
C ALA A 100 -1.88 12.46 -8.96
N VAL A 101 -1.97 11.34 -8.24
CA VAL A 101 -2.25 10.04 -8.87
C VAL A 101 -3.74 9.88 -9.12
N ASN A 102 -4.07 8.91 -9.97
CA ASN A 102 -5.45 8.61 -10.30
C ASN A 102 -5.47 7.21 -10.90
N PHE A 103 -5.98 6.24 -10.17
CA PHE A 103 -5.99 4.85 -10.63
C PHE A 103 -7.10 4.13 -9.85
N PRO A 104 -7.77 3.13 -10.44
CA PRO A 104 -8.93 2.53 -9.77
C PRO A 104 -8.65 1.90 -8.42
N PHE A 105 -7.41 1.50 -8.14
CA PHE A 105 -7.12 0.77 -6.92
C PHE A 105 -6.24 1.59 -5.95
N LEU A 106 -6.22 2.91 -6.12
CA LEU A 106 -5.50 3.86 -5.27
C LEU A 106 -6.51 4.72 -4.53
N VAL A 107 -6.33 4.86 -3.22
CA VAL A 107 -7.25 5.68 -2.46
C VAL A 107 -7.21 7.12 -2.95
N LYS A 108 -8.33 7.79 -2.86
CA LYS A 108 -8.49 9.15 -3.40
C LYS A 108 -8.35 10.15 -2.26
N LEU A 109 -7.34 11.03 -2.33
CA LEU A 109 -7.21 12.14 -1.38
C LEU A 109 -8.18 13.26 -1.76
N GLU A 110 -8.93 13.76 -0.80
CA GLU A 110 -9.87 14.83 -1.06
C GLU A 110 -9.46 16.16 -0.45
N PHE A 111 -8.83 16.17 0.71
CA PHE A 111 -8.41 17.41 1.33
C PHE A 111 -7.08 17.19 2.02
N SER A 112 -6.34 18.28 2.20
CA SER A 112 -5.18 18.24 3.08
C SER A 112 -5.01 19.64 3.65
N PHE A 113 -4.58 19.72 4.90
CA PHE A 113 -4.43 21.00 5.58
C PHE A 113 -3.58 20.75 6.82
N LYS A 114 -3.21 21.81 7.50
CA LYS A 114 -2.40 21.66 8.70
C LYS A 114 -2.80 22.72 9.71
N ASP A 115 -2.41 22.49 10.95
CA ASP A 115 -2.65 23.50 11.98
C ASP A 115 -1.42 23.58 12.86
N ASN A 116 -1.55 24.19 14.04
CA ASN A 116 -0.38 24.42 14.88
C ASN A 116 0.33 23.13 15.23
N SER A 117 -0.43 22.03 15.38
CA SER A 117 0.10 20.81 15.95
C SER A 117 0.17 19.65 14.97
N ASN A 118 -0.74 19.58 14.01
CA ASN A 118 -0.88 18.36 13.21
C ASN A 118 -0.87 18.66 11.72
N LEU A 119 -0.65 17.59 10.95
CA LEU A 119 -0.91 17.55 9.53
C LEU A 119 -2.07 16.60 9.30
N TYR A 120 -2.92 16.92 8.33
CA TYR A 120 -4.16 16.20 8.05
C TYR A 120 -4.28 15.87 6.56
N MET A 121 -4.59 14.62 6.27
CA MET A 121 -4.88 14.17 4.91
C MET A 121 -6.22 13.45 4.94
N VAL A 122 -7.19 13.97 4.23
CA VAL A 122 -8.56 13.48 4.28
C VAL A 122 -8.83 12.73 2.97
N MET A 123 -9.04 11.43 3.10
CA MET A 123 -9.23 10.50 1.99
C MET A 123 -10.66 9.96 1.97
N GLU A 124 -11.05 9.40 0.82
N GLU A 124 -11.03 9.36 0.83
CA GLU A 124 -12.31 8.68 0.78
CA GLU A 124 -12.29 8.63 0.74
C GLU A 124 -12.28 7.56 1.81
C GLU A 124 -12.30 7.48 1.75
N TYR A 125 -13.42 7.29 2.45
CA TYR A 125 -13.52 6.21 3.42
C TYR A 125 -13.85 4.91 2.69
N VAL A 126 -13.08 3.87 3.00
CA VAL A 126 -13.19 2.55 2.37
C VAL A 126 -13.72 1.62 3.44
N PRO A 127 -15.02 1.29 3.44
CA PRO A 127 -15.65 0.72 4.63
C PRO A 127 -15.50 -0.79 4.81
N GLY A 128 -14.95 -1.52 3.86
CA GLY A 128 -14.84 -2.96 3.96
C GLY A 128 -13.73 -3.47 4.88
N GLY A 129 -12.89 -2.59 5.41
CA GLY A 129 -11.83 -3.01 6.30
C GLY A 129 -10.56 -3.38 5.57
N GLU A 130 -9.55 -3.68 6.38
CA GLU A 130 -8.22 -4.08 5.90
C GLU A 130 -8.22 -5.52 5.45
N MET A 131 -7.55 -5.77 4.33
CA MET A 131 -7.32 -7.15 3.95
C MET A 131 -6.73 -7.93 5.11
N PHE A 132 -5.82 -7.29 5.87
CA PHE A 132 -5.18 -7.92 7.03
C PHE A 132 -6.18 -8.64 7.93
N SER A 133 -7.22 -7.95 8.38
CA SER A 133 -8.07 -8.58 9.39
C SER A 133 -8.92 -9.71 8.76
N HIS A 134 -9.35 -9.56 7.50
CA HIS A 134 -10.10 -10.62 6.84
C HIS A 134 -9.22 -11.86 6.68
N LEU A 135 -7.96 -11.68 6.25
CA LEU A 135 -7.01 -12.78 6.10
C LEU A 135 -6.74 -13.48 7.42
N ARG A 136 -6.49 -12.71 8.48
CA ARG A 136 -6.22 -13.32 9.75
C ARG A 136 -7.43 -14.08 10.29
N ARG A 137 -8.64 -13.59 10.02
CA ARG A 137 -9.84 -14.24 10.51
C ARG A 137 -10.09 -15.55 9.78
N ILE A 138 -9.91 -15.57 8.45
CA ILE A 138 -10.22 -16.79 7.68
C ILE A 138 -9.02 -17.73 7.59
N GLY A 139 -7.80 -17.24 7.81
CA GLY A 139 -6.60 -18.07 7.77
C GLY A 139 -5.81 -17.83 6.51
N ARG A 140 -6.34 -18.28 5.38
CA ARG A 140 -5.69 -18.05 4.10
C ARG A 140 -6.76 -17.92 3.03
N PHE A 141 -6.36 -17.33 1.92
CA PHE A 141 -7.22 -17.22 0.74
C PHE A 141 -6.88 -18.37 -0.23
N GLU A 143 -6.20 -20.00 -4.00
CA GLU A 143 -5.39 -19.32 -4.99
C GLU A 143 -6.18 -18.39 -5.95
N PRO A 144 -7.40 -18.73 -6.36
CA PRO A 144 -8.14 -17.78 -7.22
C PRO A 144 -8.43 -16.46 -6.51
N HIS A 145 -8.72 -16.55 -5.22
CA HIS A 145 -8.99 -15.36 -4.39
C HIS A 145 -7.75 -14.49 -4.24
N ALA A 146 -6.62 -15.11 -3.91
CA ALA A 146 -5.36 -14.39 -3.83
C ALA A 146 -5.00 -13.80 -5.19
N ARG A 147 -5.29 -14.51 -6.27
CA ARG A 147 -4.95 -14.06 -7.62
C ARG A 147 -5.71 -12.81 -7.99
N PHE A 148 -7.00 -12.78 -7.67
CA PHE A 148 -7.81 -11.59 -7.90
C PHE A 148 -7.23 -10.32 -7.25
N TYR A 149 -6.80 -10.42 -5.99
CA TYR A 149 -6.13 -9.30 -5.35
C TYR A 149 -4.76 -9.02 -5.97
N ALA A 150 -3.96 -10.07 -6.19
CA ALA A 150 -2.61 -9.86 -6.75
C ALA A 150 -2.68 -9.13 -8.09
N ALA A 151 -3.64 -9.47 -8.93
CA ALA A 151 -3.79 -8.82 -10.24
C ALA A 151 -3.95 -7.31 -10.08
N GLN A 152 -4.72 -6.88 -9.09
CA GLN A 152 -4.90 -5.44 -8.89
C GLN A 152 -3.62 -4.76 -8.45
N ILE A 153 -2.83 -5.41 -7.60
CA ILE A 153 -1.55 -4.86 -7.21
C ILE A 153 -0.62 -4.79 -8.42
N VAL A 154 -0.56 -5.84 -9.21
CA VAL A 154 0.29 -5.80 -10.42
C VAL A 154 -0.04 -4.58 -11.27
N LEU A 155 -1.32 -4.37 -11.56
CA LEU A 155 -1.71 -3.21 -12.38
C LEU A 155 -1.40 -1.91 -11.68
N THR A 156 -1.53 -1.87 -10.34
CA THR A 156 -1.25 -0.64 -9.61
C THR A 156 0.24 -0.31 -9.62
N PHE A 157 1.11 -1.33 -9.54
CA PHE A 157 2.53 -1.09 -9.57
C PHE A 157 2.97 -0.78 -11.01
N GLU A 158 2.32 -1.38 -12.00
CA GLU A 158 2.61 -0.98 -13.39
C GLU A 158 2.36 0.52 -13.58
N TYR A 159 1.20 0.99 -13.11
CA TYR A 159 0.88 2.40 -13.14
C TYR A 159 1.90 3.24 -12.38
N LEU A 160 2.15 2.90 -11.11
CA LEU A 160 3.02 3.73 -10.29
C LEU A 160 4.42 3.78 -10.88
N HIS A 161 4.95 2.62 -11.23
CA HIS A 161 6.32 2.54 -11.72
C HIS A 161 6.48 3.31 -13.02
N SER A 162 5.44 3.33 -13.83
CA SER A 162 5.55 4.07 -15.08
C SER A 162 5.70 5.56 -14.82
N LEU A 163 5.22 6.04 -13.66
CA LEU A 163 5.39 7.42 -13.23
C LEU A 163 6.67 7.62 -12.40
N ASP A 164 7.52 6.63 -12.39
CA ASP A 164 8.74 6.62 -11.59
C ASP A 164 8.46 6.70 -10.11
N LEU A 165 7.31 6.16 -9.68
CA LEU A 165 6.96 6.12 -8.26
C LEU A 165 7.18 4.72 -7.71
N ILE A 166 7.92 4.64 -6.61
CA ILE A 166 8.05 3.40 -5.86
C ILE A 166 7.11 3.47 -4.67
N TYR A 167 6.48 2.35 -4.32
CA TYR A 167 5.45 2.34 -3.27
C TYR A 167 6.07 2.08 -1.88
N ARG A 168 6.81 0.98 -1.75
CA ARG A 168 7.69 0.66 -0.61
C ARG A 168 6.98 0.24 0.69
N ASP A 169 5.66 0.04 0.73
CA ASP A 169 5.09 -0.51 1.98
C ASP A 169 3.95 -1.46 1.70
N LEU A 170 4.08 -2.29 0.68
CA LEU A 170 3.04 -3.28 0.43
C LEU A 170 2.92 -4.26 1.60
N LYS A 171 1.69 -4.48 2.04
CA LYS A 171 1.38 -5.48 3.08
C LYS A 171 -0.15 -5.48 3.24
N PRO A 172 -0.75 -6.53 3.78
CA PRO A 172 -2.21 -6.58 3.94
C PRO A 172 -2.80 -5.46 4.81
N GLU A 173 -2.04 -4.95 5.77
CA GLU A 173 -2.51 -3.84 6.61
C GLU A 173 -2.89 -2.62 5.77
N ASN A 174 -2.26 -2.45 4.62
CA ASN A 174 -2.39 -1.25 3.80
C ASN A 174 -3.34 -1.41 2.63
N LEU A 175 -4.05 -2.54 2.55
CA LEU A 175 -4.94 -2.86 1.43
C LEU A 175 -6.36 -2.94 1.97
N LEU A 176 -7.17 -1.97 1.62
CA LEU A 176 -8.55 -1.90 2.09
C LEU A 176 -9.48 -2.48 1.02
N ILE A 177 -10.54 -3.13 1.48
CA ILE A 177 -11.51 -3.77 0.59
C ILE A 177 -12.70 -2.83 0.41
N ASP A 178 -13.07 -2.53 -0.84
CA ASP A 178 -14.16 -1.58 -1.01
C ASP A 178 -15.50 -2.31 -1.12
N GLN A 179 -16.56 -1.55 -1.35
CA GLN A 179 -17.88 -2.16 -1.37
C GLN A 179 -18.11 -3.12 -2.53
N GLN A 180 -17.29 -3.07 -3.58
CA GLN A 180 -17.40 -4.07 -4.62
C GLN A 180 -16.43 -5.22 -4.43
N GLY A 181 -15.66 -5.23 -3.34
CA GLY A 181 -14.72 -6.31 -3.09
C GLY A 181 -13.38 -6.11 -3.75
N TYR A 182 -13.10 -4.93 -4.26
CA TYR A 182 -11.85 -4.62 -4.90
C TYR A 182 -10.96 -3.92 -3.89
N ILE A 183 -9.69 -3.88 -4.20
N ILE A 183 -9.68 -3.86 -4.23
CA ILE A 183 -8.68 -3.34 -3.28
CA ILE A 183 -8.63 -3.31 -3.37
C ILE A 183 -8.48 -1.85 -3.52
C ILE A 183 -8.53 -1.80 -3.52
N GLN A 184 -8.23 -1.12 -2.41
CA GLN A 184 -7.79 0.26 -2.43
C GLN A 184 -6.49 0.34 -1.65
N VAL A 185 -5.40 0.68 -2.31
CA VAL A 185 -4.09 0.84 -1.65
C VAL A 185 -4.09 2.16 -0.90
N THR A 186 -3.70 2.11 0.37
N THR A 186 -3.72 2.11 0.38
CA THR A 186 -3.59 3.29 1.20
CA THR A 186 -3.61 3.27 1.25
C THR A 186 -2.22 3.33 1.85
C THR A 186 -2.15 3.42 1.72
N ASP A 187 -1.96 4.44 2.50
CA ASP A 187 -0.71 4.72 3.16
C ASP A 187 0.41 4.81 2.16
N PHE A 188 0.57 6.02 1.64
CA PHE A 188 1.68 6.36 0.77
C PHE A 188 2.85 6.99 1.52
N GLY A 189 2.97 6.70 2.81
CA GLY A 189 4.00 7.30 3.65
C GLY A 189 5.43 7.03 3.19
N PHE A 190 5.68 5.92 2.50
CA PHE A 190 7.00 5.61 1.96
C PHE A 190 7.08 5.72 0.47
N ALA A 191 6.00 6.14 -0.19
CA ALA A 191 6.06 6.26 -1.63
C ALA A 191 6.98 7.41 -2.05
N LYS A 192 7.67 7.26 -3.19
CA LYS A 192 8.67 8.23 -3.61
C LYS A 192 8.89 8.21 -5.12
N ARG A 193 9.14 9.39 -5.70
CA ARG A 193 9.60 9.45 -7.08
C ARG A 193 11.09 9.17 -7.12
N VAL A 194 11.46 8.15 -7.88
CA VAL A 194 12.80 7.60 -7.92
C VAL A 194 13.04 7.24 -9.39
N LYS A 195 13.92 7.99 -10.06
CA LYS A 195 14.17 7.66 -11.46
C LYS A 195 15.11 6.47 -11.58
N GLY A 196 16.12 6.40 -10.73
CA GLY A 196 17.03 5.27 -10.70
C GLY A 196 17.07 4.54 -9.37
N ARG A 197 18.04 4.88 -8.51
CA ARG A 197 18.10 4.27 -7.18
C ARG A 197 17.71 5.24 -6.10
N THR A 198 17.42 4.65 -4.93
CA THR A 198 17.24 5.42 -3.70
C THR A 198 17.84 4.63 -2.56
N TRP A 199 18.05 5.28 -1.42
CA TRP A 199 18.90 4.71 -0.36
C TRP A 199 18.29 4.66 1.07
N LEU A 201 16.64 3.41 4.30
CA LEU A 201 16.29 2.15 4.90
C LEU A 201 14.90 2.27 5.56
N CYS A 202 13.87 1.80 4.84
CA CYS A 202 12.50 1.93 5.29
C CYS A 202 11.63 0.83 4.69
N GLY A 203 10.47 0.60 5.36
CA GLY A 203 9.42 -0.32 4.98
C GLY A 203 9.09 -1.19 6.18
N THR A 204 8.48 -2.35 5.93
CA THR A 204 8.08 -3.25 7.01
C THR A 204 8.93 -4.52 6.96
N PRO A 205 9.48 -4.96 8.07
CA PRO A 205 10.52 -6.01 8.06
C PRO A 205 10.21 -7.21 7.18
N GLU A 206 9.03 -7.84 7.37
CA GLU A 206 8.70 -9.04 6.60
C GLU A 206 8.66 -8.84 5.09
N TYR A 207 8.43 -7.63 4.61
CA TYR A 207 8.26 -7.31 3.21
C TYR A 207 9.52 -6.70 2.58
N LEU A 208 10.61 -6.46 3.33
CA LEU A 208 11.80 -5.83 2.75
C LEU A 208 12.55 -6.76 1.82
N ALA A 209 12.90 -6.23 0.64
CA ALA A 209 13.84 -6.92 -0.23
C ALA A 209 15.26 -6.99 0.38
N PRO A 210 16.02 -8.02 0.02
CA PRO A 210 17.37 -8.16 0.59
C PRO A 210 18.24 -6.96 0.39
N GLU A 211 18.15 -6.32 -0.77
CA GLU A 211 19.01 -5.20 -1.04
C GLU A 211 18.70 -4.03 -0.11
N ILE A 212 17.45 -3.89 0.37
CA ILE A 212 17.18 -2.83 1.33
C ILE A 212 17.92 -3.13 2.63
N ILE A 213 17.78 -4.37 3.10
CA ILE A 213 18.38 -4.80 4.36
C ILE A 213 19.89 -4.70 4.33
N LEU A 214 20.49 -4.91 3.16
CA LEU A 214 21.94 -4.87 2.98
C LEU A 214 22.48 -3.46 2.70
N SER A 215 21.65 -2.43 2.89
CA SER A 215 22.11 -1.03 2.75
C SER A 215 22.71 -0.80 1.37
N LYS A 216 22.11 -1.44 0.37
CA LYS A 216 22.43 -1.22 -1.04
C LYS A 216 21.43 -0.24 -1.63
N GLY A 217 21.89 0.66 -2.50
CA GLY A 217 20.97 1.44 -3.28
C GLY A 217 20.06 0.58 -4.12
N TYR A 218 18.77 0.87 -4.11
CA TYR A 218 17.78 -0.05 -4.72
C TYR A 218 16.80 0.73 -5.55
N ASN A 219 15.96 0.01 -6.31
CA ASN A 219 15.05 0.63 -7.28
C ASN A 219 13.66 0.04 -7.10
N LYS A 220 12.80 0.23 -8.11
CA LYS A 220 11.41 -0.24 -8.03
C LYS A 220 11.27 -1.74 -7.92
N ALA A 221 12.31 -2.53 -8.25
CA ALA A 221 12.21 -3.96 -8.10
C ALA A 221 11.93 -4.37 -6.65
N VAL A 222 12.14 -3.47 -5.67
CA VAL A 222 11.78 -3.89 -4.32
C VAL A 222 10.27 -4.09 -4.20
N ASP A 223 9.48 -3.39 -5.02
CA ASP A 223 8.03 -3.57 -4.95
C ASP A 223 7.64 -4.93 -5.50
N TRP A 224 8.39 -5.43 -6.49
CA TRP A 224 8.06 -6.76 -7.04
C TRP A 224 8.43 -7.87 -6.07
N TRP A 225 9.56 -7.73 -5.36
CA TRP A 225 9.84 -8.61 -4.23
C TRP A 225 8.68 -8.61 -3.26
N ALA A 226 8.24 -7.41 -2.87
CA ALA A 226 7.17 -7.33 -1.87
C ALA A 226 5.87 -7.95 -2.37
N LEU A 227 5.59 -7.86 -3.68
CA LEU A 227 4.44 -8.58 -4.22
C LEU A 227 4.56 -10.08 -4.02
N GLY A 228 5.76 -10.65 -4.18
CA GLY A 228 5.93 -12.07 -3.87
C GLY A 228 5.65 -12.39 -2.42
N VAL A 229 6.11 -11.54 -1.49
CA VAL A 229 5.76 -11.74 -0.08
C VAL A 229 4.25 -11.70 0.09
N LEU A 230 3.57 -10.70 -0.50
CA LEU A 230 2.13 -10.57 -0.31
C LEU A 230 1.38 -11.78 -0.86
N ILE A 231 1.70 -12.21 -2.07
CA ILE A 231 1.00 -13.36 -2.66
C ILE A 231 1.18 -14.60 -1.77
N TYR A 232 2.43 -14.84 -1.35
CA TYR A 232 2.72 -15.96 -0.44
C TYR A 232 1.86 -15.85 0.83
N GLU A 233 1.86 -14.67 1.47
CA GLU A 233 1.08 -14.50 2.72
C GLU A 233 -0.42 -14.67 2.49
N MET A 234 -0.94 -14.15 1.39
CA MET A 234 -2.36 -14.34 1.12
C MET A 234 -2.71 -15.84 0.92
N ALA A 235 -1.86 -16.58 0.22
CA ALA A 235 -2.15 -17.97 -0.10
C ALA A 235 -1.75 -18.95 1.01
N ALA A 236 -0.81 -18.58 1.89
CA ALA A 236 -0.41 -19.45 2.99
C ALA A 236 -1.05 -19.10 4.31
N GLY A 237 -1.28 -17.81 4.53
CA GLY A 237 -1.75 -17.28 5.78
C GLY A 237 -0.68 -16.66 6.64
N TYR A 238 0.56 -16.76 6.22
CA TYR A 238 1.72 -16.22 6.91
C TYR A 238 2.76 -15.92 5.85
N PRO A 239 3.69 -15.00 6.12
CA PRO A 239 4.63 -14.62 5.09
C PRO A 239 5.81 -15.58 5.02
N PRO A 240 6.64 -15.48 3.98
CA PRO A 240 7.68 -16.47 3.76
C PRO A 240 8.88 -16.36 4.70
N PHE A 241 9.13 -15.20 5.28
CA PHE A 241 10.26 -14.95 6.16
C PHE A 241 9.64 -14.48 7.48
N PHE A 242 9.53 -15.41 8.43
CA PHE A 242 8.57 -15.35 9.54
C PHE A 242 9.37 -15.64 10.80
N ALA A 243 9.50 -14.63 11.68
CA ALA A 243 10.22 -14.83 12.95
C ALA A 243 9.74 -13.78 13.95
N ASP A 244 10.05 -13.98 15.24
CA ASP A 244 9.49 -13.07 16.25
C ASP A 244 10.16 -11.71 16.23
N GLN A 245 11.45 -11.65 15.89
CA GLN A 245 12.17 -10.38 15.97
C GLN A 245 12.66 -9.92 14.60
N PRO A 246 12.67 -8.61 14.33
CA PRO A 246 13.16 -8.15 13.01
C PRO A 246 14.54 -8.69 12.61
N ILE A 247 15.53 -8.74 13.52
CA ILE A 247 16.83 -9.23 13.07
C ILE A 247 16.77 -10.67 12.56
N GLN A 248 15.93 -11.53 13.15
CA GLN A 248 15.77 -12.90 12.67
C GLN A 248 15.07 -12.94 11.29
N ILE A 249 14.10 -12.06 11.09
CA ILE A 249 13.44 -11.92 9.81
C ILE A 249 14.45 -11.53 8.73
N TYR A 250 15.27 -10.50 9.02
CA TYR A 250 16.30 -10.05 8.08
C TYR A 250 17.23 -11.18 7.69
N GLU A 251 17.63 -12.02 8.67
CA GLU A 251 18.55 -13.12 8.37
C GLU A 251 17.93 -14.10 7.39
N LYS A 252 16.65 -14.42 7.59
CA LYS A 252 15.93 -15.30 6.68
C LYS A 252 15.81 -14.70 5.29
N ILE A 253 15.51 -13.40 5.19
CA ILE A 253 15.36 -12.74 3.90
C ILE A 253 16.65 -12.83 3.12
N VAL A 254 17.77 -12.52 3.79
CA VAL A 254 19.06 -12.45 3.11
C VAL A 254 19.59 -13.83 2.74
N SER A 255 19.34 -14.84 3.57
CA SER A 255 19.58 -16.20 3.10
C SER A 255 18.76 -16.47 1.86
N GLY A 256 17.52 -15.95 1.82
CA GLY A 256 16.62 -16.09 0.70
C GLY A 256 16.11 -17.49 0.46
N LYS A 257 16.32 -18.42 1.39
CA LYS A 257 15.73 -19.75 1.26
C LYS A 257 14.23 -19.64 1.53
N VAL A 258 13.42 -20.12 0.59
CA VAL A 258 11.97 -20.09 0.76
C VAL A 258 11.45 -21.51 0.68
N ARG A 259 10.62 -21.87 1.65
CA ARG A 259 9.91 -23.14 1.59
C ARG A 259 8.44 -22.80 1.44
N PHE A 260 7.70 -23.68 0.77
CA PHE A 260 6.32 -23.44 0.44
C PHE A 260 5.38 -24.46 1.09
N PRO A 261 4.17 -24.06 1.49
CA PRO A 261 3.17 -25.07 1.91
C PRO A 261 2.92 -26.10 0.83
N SER A 262 2.53 -27.32 1.27
CA SER A 262 2.37 -28.39 0.32
C SER A 262 1.15 -28.19 -0.55
N HIS A 263 0.21 -27.33 -0.16
CA HIS A 263 -0.97 -27.04 -0.96
C HIS A 263 -0.76 -25.96 -2.04
N PHE A 264 0.38 -25.27 -2.05
CA PHE A 264 0.69 -24.35 -3.16
C PHE A 264 0.80 -25.12 -4.48
N SER A 265 0.18 -24.58 -5.52
CA SER A 265 0.33 -25.17 -6.83
C SER A 265 1.75 -24.94 -7.35
N SER A 266 2.14 -25.81 -8.29
CA SER A 266 3.46 -25.65 -8.89
C SER A 266 3.57 -24.34 -9.62
N ASP A 267 2.50 -23.89 -10.28
CA ASP A 267 2.56 -22.58 -10.97
C ASP A 267 2.77 -21.44 -9.96
N LEU A 268 2.13 -21.50 -8.80
CA LEU A 268 2.36 -20.47 -7.77
C LEU A 268 3.80 -20.46 -7.28
N LYS A 269 4.33 -21.63 -6.96
CA LYS A 269 5.71 -21.71 -6.50
C LYS A 269 6.66 -21.16 -7.55
N ASP A 270 6.44 -21.47 -8.84
CA ASP A 270 7.32 -20.94 -9.87
C ASP A 270 7.29 -19.41 -9.91
N LEU A 271 6.09 -18.82 -9.88
CA LEU A 271 5.97 -17.37 -9.85
C LEU A 271 6.67 -16.81 -8.64
N LEU A 272 6.47 -17.44 -7.49
CA LEU A 272 7.05 -16.87 -6.28
C LEU A 272 8.56 -16.99 -6.26
N ARG A 273 9.10 -18.07 -6.80
CA ARG A 273 10.55 -18.18 -6.91
C ARG A 273 11.16 -17.11 -7.78
N ASN A 274 10.43 -16.64 -8.80
CA ASN A 274 10.94 -15.59 -9.68
C ASN A 274 10.73 -14.17 -9.11
N LEU A 275 9.81 -14.02 -8.18
CA LEU A 275 9.63 -12.72 -7.51
C LEU A 275 10.54 -12.61 -6.29
N LEU A 276 10.60 -13.65 -5.50
CA LEU A 276 11.42 -13.68 -4.29
C LEU A 276 12.83 -14.09 -4.70
N GLN A 277 13.37 -13.38 -5.67
CA GLN A 277 14.66 -13.66 -6.29
C GLN A 277 15.70 -12.64 -5.79
N VAL A 278 16.74 -13.12 -5.08
CA VAL A 278 17.76 -12.18 -4.57
C VAL A 278 18.54 -11.53 -5.71
N ASP A 279 18.79 -12.24 -6.81
CA ASP A 279 19.58 -11.73 -7.93
C ASP A 279 18.73 -10.77 -8.77
N LEU A 280 19.08 -9.46 -8.77
CA LEU A 280 18.26 -8.50 -9.48
C LEU A 280 18.30 -8.70 -10.99
N THR A 281 19.31 -9.38 -11.52
CA THR A 281 19.33 -9.63 -12.94
C THR A 281 18.35 -10.72 -13.32
N LYS A 282 17.72 -11.37 -12.32
CA LYS A 282 16.77 -12.46 -12.55
C LYS A 282 15.38 -12.21 -12.01
N ARG A 283 15.16 -11.13 -11.25
CA ARG A 283 13.88 -10.95 -10.58
C ARG A 283 12.81 -10.49 -11.55
N PHE A 284 11.69 -11.20 -11.57
CA PHE A 284 10.57 -10.80 -12.40
C PHE A 284 10.08 -9.41 -12.01
N GLY A 285 9.69 -8.67 -13.03
CA GLY A 285 9.39 -7.28 -12.90
C GLY A 285 10.55 -6.39 -13.21
N ASN A 286 11.79 -6.91 -13.17
CA ASN A 286 13.01 -6.15 -13.37
C ASN A 286 13.78 -6.52 -14.62
N LEU A 287 13.20 -7.34 -15.50
CA LEU A 287 13.91 -7.82 -16.67
C LEU A 287 13.50 -7.04 -17.92
N LYS A 288 14.01 -7.52 -19.07
CA LYS A 288 13.78 -6.83 -20.33
C LYS A 288 12.31 -6.63 -20.59
N ASN A 289 11.49 -7.65 -20.28
CA ASN A 289 10.06 -7.62 -20.55
C ASN A 289 9.26 -7.03 -19.40
N GLY A 290 9.93 -6.50 -18.38
CA GLY A 290 9.28 -5.71 -17.33
C GLY A 290 8.15 -6.48 -16.67
N VAL A 291 7.03 -5.77 -16.50
CA VAL A 291 5.86 -6.34 -15.83
C VAL A 291 5.26 -7.49 -16.64
N ASN A 292 5.58 -7.60 -17.92
CA ASN A 292 4.88 -8.62 -18.68
C ASN A 292 5.36 -10.01 -18.33
N ASP A 293 6.57 -10.16 -17.76
CA ASP A 293 6.94 -11.49 -17.28
C ASP A 293 6.00 -11.97 -16.19
N ILE A 294 5.43 -11.03 -15.43
CA ILE A 294 4.47 -11.38 -14.40
C ILE A 294 3.09 -11.58 -15.01
N LYS A 295 2.66 -10.64 -15.83
CA LYS A 295 1.30 -10.72 -16.39
C LYS A 295 1.12 -11.93 -17.28
N ASN A 296 2.19 -12.40 -17.94
CA ASN A 296 2.11 -13.55 -18.84
C ASN A 296 2.51 -14.84 -18.18
N HIS A 297 2.77 -14.82 -16.87
CA HIS A 297 3.07 -16.05 -16.15
C HIS A 297 1.88 -16.99 -16.09
N LYS A 298 2.16 -18.30 -16.12
CA LYS A 298 1.07 -19.28 -16.13
C LYS A 298 0.11 -19.14 -14.95
N TRP A 299 0.58 -18.70 -13.77
CA TRP A 299 -0.32 -18.55 -12.62
C TRP A 299 -1.41 -17.52 -12.90
N PHE A 300 -1.14 -16.57 -13.80
CA PHE A 300 -2.12 -15.56 -14.15
C PHE A 300 -2.84 -15.88 -15.48
N ALA A 301 -2.76 -17.12 -15.97
CA ALA A 301 -3.29 -17.41 -17.31
C ALA A 301 -4.78 -17.15 -17.40
N THR A 302 -5.52 -17.36 -16.31
CA THR A 302 -6.95 -17.11 -16.26
C THR A 302 -7.31 -15.67 -16.03
N THR A 303 -6.33 -14.79 -15.79
CA THR A 303 -6.61 -13.40 -15.46
C THR A 303 -6.84 -12.57 -16.71
N ASP A 304 -7.98 -11.91 -16.75
CA ASP A 304 -8.37 -10.97 -17.79
C ASP A 304 -7.98 -9.59 -17.30
N TRP A 305 -6.77 -9.15 -17.69
CA TRP A 305 -6.16 -7.97 -17.09
C TRP A 305 -6.99 -6.72 -17.35
N ILE A 306 -7.56 -6.59 -18.56
CA ILE A 306 -8.40 -5.42 -18.85
C ILE A 306 -9.68 -5.46 -18.01
N ALA A 307 -10.28 -6.64 -17.87
CA ALA A 307 -11.53 -6.75 -17.09
C ALA A 307 -11.32 -6.47 -15.61
N ILE A 308 -10.14 -6.77 -15.08
CA ILE A 308 -9.83 -6.40 -13.72
C ILE A 308 -9.76 -4.87 -13.60
N TYR A 309 -9.03 -4.23 -14.49
CA TYR A 309 -8.91 -2.79 -14.49
C TYR A 309 -10.28 -2.12 -14.59
N GLN A 310 -11.13 -2.64 -15.46
CA GLN A 310 -12.45 -2.09 -15.64
C GLN A 310 -13.41 -2.53 -14.54
N ARG A 311 -12.96 -3.39 -13.62
CA ARG A 311 -13.79 -3.82 -12.49
C ARG A 311 -15.01 -4.62 -12.96
N LYS A 312 -14.81 -5.45 -13.99
CA LYS A 312 -15.89 -6.27 -14.54
C LYS A 312 -15.95 -7.67 -13.92
N VAL A 313 -14.93 -8.06 -13.17
CA VAL A 313 -14.81 -9.41 -12.62
C VAL A 313 -15.53 -9.44 -11.29
N GLU A 314 -16.32 -10.48 -11.06
CA GLU A 314 -17.04 -10.59 -9.79
C GLU A 314 -16.04 -10.91 -8.68
N ALA A 315 -16.10 -10.17 -7.57
CA ALA A 315 -15.10 -10.35 -6.52
C ALA A 315 -15.39 -11.61 -5.70
N PRO A 316 -14.35 -12.18 -5.09
CA PRO A 316 -14.55 -13.39 -4.28
C PRO A 316 -15.25 -13.11 -2.99
N PHE A 317 -15.20 -11.88 -2.52
CA PHE A 317 -15.72 -11.55 -1.20
C PHE A 317 -16.25 -10.12 -1.23
N ILE A 318 -17.50 -9.94 -0.83
CA ILE A 318 -18.08 -8.60 -0.73
C ILE A 318 -18.35 -8.33 0.74
N PRO A 319 -17.78 -7.30 1.34
CA PRO A 319 -18.03 -7.04 2.76
C PRO A 319 -19.46 -6.60 2.99
N LYS A 320 -19.99 -6.91 4.17
CA LYS A 320 -21.32 -6.41 4.48
C LYS A 320 -21.23 -4.99 5.03
N PHE A 321 -22.12 -4.13 4.58
CA PHE A 321 -22.13 -2.74 5.01
C PHE A 321 -23.52 -2.43 5.54
N LYS A 322 -23.59 -1.90 6.75
CA LYS A 322 -24.85 -1.60 7.42
C LYS A 322 -25.33 -0.18 7.15
N GLY A 323 -24.63 0.57 6.30
CA GLY A 323 -24.98 1.93 6.01
C GLY A 323 -23.76 2.82 5.98
N PRO A 324 -23.94 4.06 5.57
CA PRO A 324 -22.80 5.00 5.60
C PRO A 324 -22.29 5.20 7.02
N GLY A 325 -20.97 5.29 7.13
CA GLY A 325 -20.34 5.47 8.41
C GLY A 325 -20.19 4.20 9.21
N ASP A 326 -20.64 3.07 8.69
CA ASP A 326 -20.49 1.78 9.36
C ASP A 326 -19.00 1.47 9.56
N THR A 327 -18.60 1.13 10.80
CA THR A 327 -17.21 0.75 11.07
C THR A 327 -17.08 -0.70 11.50
N SER A 328 -18.11 -1.53 11.24
N SER A 328 -18.11 -1.52 11.22
CA SER A 328 -18.12 -2.90 11.77
CA SER A 328 -18.16 -2.90 11.71
C SER A 328 -17.01 -3.77 11.19
C SER A 328 -16.98 -3.73 11.21
N ASN A 329 -16.41 -3.38 10.05
CA ASN A 329 -15.33 -4.19 9.45
C ASN A 329 -13.92 -3.79 9.96
N PHE A 330 -13.84 -2.85 10.91
CA PHE A 330 -12.59 -2.44 11.52
C PHE A 330 -12.52 -2.88 12.98
N ASP A 331 -11.28 -3.09 13.42
CA ASP A 331 -10.95 -3.33 14.81
C ASP A 331 -11.12 -2.04 15.64
N ASP A 332 -11.29 -2.21 16.96
CA ASP A 332 -11.40 -1.09 17.91
C ASP A 332 -10.02 -0.66 18.42
N TYR A 333 -9.85 0.67 18.62
CA TYR A 333 -8.59 1.24 19.08
C TYR A 333 -8.89 2.20 20.22
N GLU A 334 -7.91 2.40 21.11
CA GLU A 334 -8.06 3.41 22.14
C GLU A 334 -8.17 4.79 21.50
N GLU A 335 -9.11 5.58 21.99
CA GLU A 335 -9.35 6.94 21.53
C GLU A 335 -8.61 7.92 22.44
N GLU A 336 -7.95 8.91 21.84
CA GLU A 336 -7.22 9.96 22.55
C GLU A 336 -7.57 11.31 21.94
N GLU A 337 -8.03 12.25 22.78
CA GLU A 337 -8.51 13.53 22.27
C GLU A 337 -7.47 14.20 21.38
N ILE A 338 -7.94 14.89 20.35
CA ILE A 338 -7.06 15.66 19.47
C ILE A 338 -6.85 17.03 20.13
N ARG A 339 -5.60 17.33 20.52
CA ARG A 339 -5.26 18.62 21.12
C ARG A 339 -4.44 19.45 20.15
N VAL A 340 -4.89 20.67 19.91
CA VAL A 340 -4.17 21.62 19.07
C VAL A 340 -3.57 22.73 19.96
N ILE A 342 -1.67 26.25 21.20
CA ILE A 342 -1.81 27.66 20.87
C ILE A 342 -0.56 28.15 20.14
N ASN A 343 0.53 27.39 20.24
CA ASN A 343 1.81 27.67 19.60
C ASN A 343 2.07 26.74 18.42
N GLU A 344 2.25 27.34 17.23
CA GLU A 344 2.57 26.60 16.02
C GLU A 344 3.87 25.83 16.21
N LYS A 345 3.84 24.54 15.88
CA LYS A 345 5.02 23.72 16.02
C LYS A 345 5.53 23.40 14.63
N CYS A 346 6.85 23.52 14.45
CA CYS A 346 7.55 23.04 13.25
C CYS A 346 7.04 23.72 11.98
N GLY A 347 6.79 25.03 12.07
CA GLY A 347 6.25 25.74 10.91
C GLY A 347 7.19 25.74 9.72
N LYS A 348 8.49 25.98 9.96
CA LYS A 348 9.44 26.08 8.86
C LYS A 348 9.66 24.72 8.19
N GLU A 349 9.64 23.64 8.97
CA GLU A 349 9.88 22.32 8.42
C GLU A 349 8.70 21.79 7.61
N PHE A 350 7.52 22.39 7.72
CA PHE A 350 6.34 21.86 7.03
C PHE A 350 5.71 22.92 6.12
N THR A 351 6.54 23.87 5.66
CA THR A 351 6.06 24.97 4.81
C THR A 351 5.43 24.46 3.53
N GLU A 352 6.07 23.48 2.86
CA GLU A 352 5.61 22.96 1.57
C GLU A 352 4.34 22.13 1.69
N PHE A 353 3.93 21.72 2.88
CA PHE A 353 2.75 20.86 3.04
C PHE A 353 1.44 21.61 2.88
N ALA B 2 8.11 -22.28 13.93
CA ALA B 2 7.18 -21.50 13.11
C ALA B 2 6.69 -20.23 13.84
N ALA B 3 7.38 -19.83 14.91
CA ALA B 3 6.95 -18.66 15.67
C ALA B 3 7.24 -17.40 14.86
N GLY B 4 6.23 -16.56 14.67
CA GLY B 4 6.44 -15.29 13.99
C GLY B 4 5.39 -14.27 14.42
N ARG B 5 5.42 -13.10 13.76
CA ARG B 5 4.58 -12.00 14.22
C ARG B 5 3.22 -12.11 13.56
N THR B 6 2.18 -12.26 14.37
CA THR B 6 0.84 -12.49 13.85
C THR B 6 -0.06 -11.25 13.86
N GLY B 7 0.30 -10.20 14.60
CA GLY B 7 -0.49 -8.98 14.65
C GLY B 7 -0.04 -7.97 13.63
N ARG B 8 -0.64 -6.78 13.73
CA ARG B 8 -0.26 -5.75 12.76
C ARG B 8 1.21 -5.37 12.92
N ARG B 9 1.85 -5.08 11.79
CA ARG B 9 3.28 -4.87 11.66
C ARG B 9 3.54 -3.40 11.34
N GLN B 10 4.33 -2.74 12.20
CA GLN B 10 4.69 -1.34 12.01
C GLN B 10 5.84 -1.20 11.04
N ALA B 11 5.78 -0.15 10.22
CA ALA B 11 6.89 0.08 9.33
C ALA B 11 8.02 0.70 10.10
N ILE B 12 9.22 0.59 9.54
CA ILE B 12 10.41 1.18 10.14
C ILE B 12 10.87 2.29 9.21
N HIS B 13 11.29 3.40 9.78
CA HIS B 13 11.59 4.57 8.96
C HIS B 13 13.08 4.76 8.69
N ASP B 14 13.98 4.24 9.56
CA ASP B 14 15.40 4.54 9.39
C ASP B 14 16.33 3.42 9.88
N ILE B 15 15.83 2.24 10.23
CA ILE B 15 16.74 1.20 10.70
C ILE B 15 16.12 -0.18 10.64
#